data_4JZS
#
_entry.id   4JZS
#
_cell.length_a   116.920
_cell.length_b   116.920
_cell.length_c   55.580
_cell.angle_alpha   90.00
_cell.angle_beta   90.00
_cell.angle_gamma   120.00
#
_symmetry.space_group_name_H-M   'P 63'
#
loop_
_entity.id
_entity.type
_entity.pdbx_description
1 polymer 'dGTP pyrophosphohydrolase'
2 non-polymer '4-(2-HYDROXYETHYL)-1-PIPERAZINE ETHANESULFONIC ACID'
3 water water
#
_entity_poly.entity_id   1
_entity_poly.type   'polypeptide(L)'
_entity_poly.pdbx_seq_one_letter_code
;MGSSHHHHHHSSGLVPRGSHMYEFKDYYQNTVQLSFDDQPFSDSPKHVWVICRFGGKWLLTEHEDRGYEFPGGKVEPMEC
AEEAALRAVKEETGARVKSLKYLGQYKVLGKEKVIVKNIYFADIEKLEKQADYFETKGPVLFHELPENLSRNKKFSFIMK
DSVLPISLKKLKESGWIE
;
_entity_poly.pdbx_strand_id   A,D
#
# COMPACT_ATOMS: atom_id res chain seq x y z
N MET A 21 1.46 4.52 8.58
CA MET A 21 1.47 3.06 8.67
C MET A 21 0.51 2.46 7.64
N TYR A 22 1.00 1.51 6.84
CA TYR A 22 0.24 0.85 5.78
C TYR A 22 0.01 -0.63 6.12
N GLU A 23 -1.20 -1.13 5.86
CA GLU A 23 -1.55 -2.54 6.03
C GLU A 23 -2.30 -3.03 4.80
N PHE A 24 -1.73 -4.04 4.15
CA PHE A 24 -2.24 -4.64 2.91
C PHE A 24 -1.77 -6.10 2.78
N LYS A 25 -1.98 -6.71 1.61
CA LYS A 25 -1.61 -8.10 1.34
C LYS A 25 -0.45 -8.19 0.34
N ASP A 26 0.41 -9.22 0.50
CA ASP A 26 1.52 -9.44 -0.43
C ASP A 26 1.07 -10.30 -1.62
N TYR A 27 2.02 -10.82 -2.43
CA TYR A 27 1.74 -11.66 -3.59
C TYR A 27 1.11 -13.00 -3.19
N TYR A 28 1.51 -13.57 -2.03
CA TYR A 28 0.99 -14.84 -1.52
C TYR A 28 -0.14 -14.66 -0.49
N GLN A 29 -0.80 -13.49 -0.52
CA GLN A 29 -1.93 -13.08 0.33
C GLN A 29 -1.65 -13.01 1.84
N ASN A 30 -0.37 -12.82 2.23
CA ASN A 30 0.04 -12.65 3.62
C ASN A 30 -0.11 -11.18 3.98
N THR A 31 -0.48 -10.88 5.25
CA THR A 31 -0.66 -9.51 5.73
C THR A 31 0.69 -8.82 5.90
N VAL A 32 0.84 -7.63 5.30
CA VAL A 32 2.06 -6.82 5.36
C VAL A 32 1.77 -5.50 6.07
N GLN A 33 2.58 -5.18 7.09
CA GLN A 33 2.49 -3.93 7.85
C GLN A 33 3.72 -3.11 7.50
N LEU A 34 3.52 -1.98 6.81
CA LEU A 34 4.60 -1.12 6.33
C LEU A 34 4.58 0.25 7.02
N SER A 35 5.77 0.72 7.43
CA SER A 35 5.95 2.03 8.08
C SER A 35 7.29 2.66 7.68
N PHE A 36 7.32 4.00 7.64
CA PHE A 36 8.53 4.75 7.29
C PHE A 36 9.16 5.45 8.51
N ASP A 37 8.72 5.03 9.71
CA ASP A 37 9.24 5.49 11.00
C ASP A 37 10.49 4.65 11.34
N ASP A 38 11.29 5.10 12.31
CA ASP A 38 12.52 4.42 12.73
C ASP A 38 12.22 3.13 13.51
N GLN A 39 12.30 1.97 12.81
CA GLN A 39 12.10 0.60 13.32
C GLN A 39 10.90 0.46 14.30
N PRO A 40 9.64 0.62 13.86
CA PRO A 40 8.52 0.52 14.82
C PRO A 40 8.07 -0.89 15.18
N PHE A 41 8.29 -1.87 14.29
CA PHE A 41 7.89 -3.27 14.51
C PHE A 41 8.89 -4.06 15.34
N SER A 42 10.20 -3.86 15.09
CA SER A 42 11.28 -4.53 15.81
C SER A 42 12.59 -3.77 15.72
N ASP A 43 13.32 -3.70 16.85
CA ASP A 43 14.64 -3.06 16.94
C ASP A 43 15.73 -4.04 16.50
N SER A 44 15.36 -5.32 16.31
CA SER A 44 16.25 -6.39 15.85
C SER A 44 15.66 -7.08 14.60
N PRO A 45 15.56 -6.39 13.42
CA PRO A 45 15.02 -7.07 12.22
C PRO A 45 15.99 -8.13 11.69
N LYS A 46 15.45 -9.29 11.30
CA LYS A 46 16.26 -10.43 10.82
C LYS A 46 16.60 -10.35 9.33
N HIS A 47 15.91 -9.49 8.56
CA HIS A 47 16.12 -9.34 7.13
C HIS A 47 16.23 -7.88 6.70
N VAL A 48 16.86 -7.65 5.52
CA VAL A 48 17.06 -6.33 4.92
C VAL A 48 16.67 -6.34 3.44
N TRP A 49 16.27 -5.17 2.92
CA TRP A 49 15.92 -4.98 1.52
C TRP A 49 16.48 -3.62 1.09
N VAL A 50 17.35 -3.64 0.07
CA VAL A 50 18.05 -2.44 -0.39
C VAL A 50 17.66 -1.95 -1.78
N ILE A 51 16.98 -0.80 -1.85
CA ILE A 51 16.60 -0.16 -3.11
C ILE A 51 17.85 0.59 -3.59
N CYS A 52 18.46 0.09 -4.68
CA CYS A 52 19.71 0.65 -5.21
C CYS A 52 19.54 1.52 -6.43
N ARG A 53 20.32 2.61 -6.47
CA ARG A 53 20.36 3.57 -7.56
C ARG A 53 21.82 3.86 -7.92
N PHE A 54 22.20 3.55 -9.17
CA PHE A 54 23.54 3.78 -9.71
C PHE A 54 23.42 4.88 -10.76
N GLY A 55 23.60 6.12 -10.33
CA GLY A 55 23.47 7.32 -11.15
C GLY A 55 22.00 7.63 -11.36
N GLY A 56 21.53 7.44 -12.60
CA GLY A 56 20.15 7.64 -12.98
C GLY A 56 19.41 6.36 -13.28
N LYS A 57 20.06 5.21 -13.00
CA LYS A 57 19.54 3.86 -13.25
C LYS A 57 19.31 3.09 -11.95
N TRP A 58 18.35 2.15 -11.96
CA TRP A 58 18.04 1.29 -10.82
C TRP A 58 18.95 0.06 -10.86
N LEU A 59 19.62 -0.24 -9.75
CA LEU A 59 20.46 -1.43 -9.66
C LEU A 59 19.69 -2.55 -8.97
N LEU A 60 19.47 -3.64 -9.72
CA LEU A 60 18.76 -4.82 -9.27
C LEU A 60 19.66 -6.05 -9.36
N THR A 61 19.14 -7.19 -8.89
CA THR A 61 19.79 -8.49 -8.96
C THR A 61 18.82 -9.50 -9.56
N GLU A 62 19.34 -10.59 -10.14
CA GLU A 62 18.51 -11.63 -10.72
C GLU A 62 18.64 -12.91 -9.89
N HIS A 63 17.68 -13.14 -8.98
CA HIS A 63 17.66 -14.33 -8.12
C HIS A 63 17.37 -15.56 -8.99
N GLU A 64 18.19 -16.62 -8.83
CA GLU A 64 18.10 -17.86 -9.62
C GLU A 64 16.71 -18.54 -9.63
N ASP A 65 15.90 -18.32 -8.58
CA ASP A 65 14.57 -18.89 -8.45
C ASP A 65 13.47 -17.84 -8.71
N ARG A 66 13.52 -16.74 -7.94
CA ARG A 66 12.55 -15.64 -7.97
C ARG A 66 12.58 -14.76 -9.23
N GLY A 67 13.76 -14.29 -9.61
CA GLY A 67 13.94 -13.42 -10.77
C GLY A 67 14.45 -12.05 -10.40
N TYR A 68 14.08 -11.01 -11.18
CA TYR A 68 14.51 -9.63 -10.95
C TYR A 68 13.93 -9.03 -9.67
N GLU A 69 14.83 -8.54 -8.80
CA GLU A 69 14.51 -7.92 -7.51
C GLU A 69 15.64 -7.02 -7.04
N PHE A 70 15.34 -6.07 -6.14
CA PHE A 70 16.34 -5.21 -5.54
C PHE A 70 17.16 -6.06 -4.53
N PRO A 71 18.48 -5.79 -4.32
CA PRO A 71 19.26 -6.63 -3.39
C PRO A 71 18.69 -6.71 -1.98
N GLY A 72 18.87 -7.87 -1.34
CA GLY A 72 18.40 -8.14 0.00
C GLY A 72 19.04 -9.38 0.61
N GLY A 73 18.87 -9.53 1.93
CA GLY A 73 19.43 -10.67 2.65
C GLY A 73 19.06 -10.74 4.12
N LYS A 74 19.50 -11.83 4.76
CA LYS A 74 19.30 -12.13 6.17
C LYS A 74 20.44 -11.52 6.99
N VAL A 75 20.13 -11.00 8.19
CA VAL A 75 21.11 -10.42 9.11
C VAL A 75 21.86 -11.62 9.73
N GLU A 76 23.14 -11.78 9.35
CA GLU A 76 24.00 -12.88 9.80
C GLU A 76 24.57 -12.64 11.22
N PRO A 77 25.16 -13.66 11.91
CA PRO A 77 25.67 -13.43 13.28
C PRO A 77 26.68 -12.30 13.42
N MET A 78 26.55 -11.52 14.50
CA MET A 78 27.36 -10.34 14.87
C MET A 78 27.25 -9.13 13.94
N GLU A 79 26.27 -9.15 13.03
CA GLU A 79 25.99 -8.07 12.09
C GLU A 79 24.80 -7.25 12.56
N CYS A 80 24.79 -5.96 12.20
CA CYS A 80 23.65 -5.08 12.43
C CYS A 80 22.96 -4.99 11.06
N ALA A 81 21.73 -4.43 11.00
CA ALA A 81 20.98 -4.33 9.75
C ALA A 81 21.70 -3.56 8.64
N GLU A 82 22.44 -2.49 8.99
CA GLU A 82 23.19 -1.66 8.03
C GLU A 82 24.34 -2.44 7.38
N GLU A 83 25.07 -3.26 8.16
CA GLU A 83 26.17 -4.09 7.68
C GLU A 83 25.64 -5.20 6.77
N ALA A 84 24.47 -5.78 7.12
CA ALA A 84 23.79 -6.83 6.35
C ALA A 84 23.34 -6.28 4.99
N ALA A 85 22.92 -5.00 4.96
CA ALA A 85 22.49 -4.29 3.75
C ALA A 85 23.66 -4.08 2.79
N LEU A 86 24.82 -3.62 3.32
CA LEU A 86 26.05 -3.40 2.54
C LEU A 86 26.58 -4.72 1.98
N ARG A 87 26.52 -5.81 2.78
CA ARG A 87 26.95 -7.14 2.39
C ARG A 87 26.05 -7.72 1.29
N ALA A 88 24.70 -7.61 1.46
CA ALA A 88 23.71 -8.10 0.49
C ALA A 88 23.92 -7.47 -0.91
N VAL A 89 24.22 -6.15 -0.95
CA VAL A 89 24.49 -5.40 -2.17
C VAL A 89 25.75 -5.97 -2.85
N LYS A 90 26.84 -6.18 -2.08
CA LYS A 90 28.10 -6.74 -2.58
C LYS A 90 27.94 -8.21 -3.03
N GLU A 91 27.30 -9.06 -2.21
CA GLU A 91 27.08 -10.47 -2.51
C GLU A 91 26.20 -10.72 -3.74
N GLU A 92 25.23 -9.83 -3.99
CA GLU A 92 24.28 -9.97 -5.11
C GLU A 92 24.53 -9.13 -6.36
N THR A 93 25.18 -7.94 -6.22
CA THR A 93 25.46 -7.07 -7.36
C THR A 93 26.96 -6.75 -7.55
N GLY A 94 27.78 -7.05 -6.55
CA GLY A 94 29.22 -6.77 -6.55
C GLY A 94 29.52 -5.28 -6.46
N ALA A 95 28.53 -4.51 -5.98
CA ALA A 95 28.59 -3.05 -5.87
C ALA A 95 29.02 -2.51 -4.51
N ARG A 96 29.58 -1.28 -4.52
CA ARG A 96 30.02 -0.55 -3.34
C ARG A 96 29.09 0.65 -3.16
N VAL A 97 28.58 0.82 -1.93
CA VAL A 97 27.63 1.88 -1.58
C VAL A 97 28.35 3.17 -1.18
N LYS A 98 27.93 4.30 -1.78
CA LYS A 98 28.46 5.64 -1.50
C LYS A 98 27.75 6.19 -0.25
N SER A 99 26.42 6.02 -0.18
CA SER A 99 25.58 6.47 0.93
C SER A 99 24.41 5.50 1.14
N LEU A 100 24.33 4.92 2.36
CA LEU A 100 23.26 3.99 2.75
C LEU A 100 22.33 4.72 3.72
N LYS A 101 21.07 4.91 3.31
CA LYS A 101 20.07 5.62 4.10
C LYS A 101 18.88 4.73 4.45
N TYR A 102 18.45 4.77 5.72
CA TYR A 102 17.30 4.03 6.21
C TYR A 102 16.03 4.65 5.63
N LEU A 103 15.19 3.84 4.96
CA LEU A 103 13.94 4.33 4.36
C LEU A 103 12.73 3.99 5.23
N GLY A 104 12.60 2.72 5.60
CA GLY A 104 11.50 2.25 6.42
C GLY A 104 11.65 0.82 6.88
N GLN A 105 10.54 0.24 7.36
CA GLN A 105 10.49 -1.13 7.88
C GLN A 105 9.14 -1.76 7.60
N TYR A 106 9.14 -3.07 7.31
CA TYR A 106 7.91 -3.82 7.11
C TYR A 106 7.88 -5.18 7.80
N LYS A 107 6.68 -5.60 8.21
CA LYS A 107 6.44 -6.87 8.90
C LYS A 107 5.51 -7.72 8.05
N VAL A 108 5.93 -8.95 7.74
CA VAL A 108 5.13 -9.90 6.96
C VAL A 108 4.57 -10.96 7.91
N LEU A 109 3.24 -11.05 8.00
CA LEU A 109 2.55 -12.01 8.85
C LEU A 109 2.11 -13.21 8.01
N GLY A 110 2.88 -14.29 8.10
CA GLY A 110 2.66 -15.53 7.36
C GLY A 110 2.12 -16.68 8.17
N LYS A 111 2.45 -17.92 7.74
CA LYS A 111 2.02 -19.17 8.37
C LYS A 111 2.99 -19.62 9.47
N GLU A 112 4.25 -19.89 9.09
CA GLU A 112 5.30 -20.39 9.99
C GLU A 112 5.84 -19.38 10.99
N LYS A 113 6.22 -18.17 10.54
CA LYS A 113 6.80 -17.12 11.37
C LYS A 113 6.63 -15.71 10.76
N VAL A 114 6.63 -14.67 11.63
CA VAL A 114 6.56 -13.30 11.17
C VAL A 114 7.97 -12.77 10.87
N ILE A 115 8.16 -12.14 9.71
CA ILE A 115 9.46 -11.61 9.33
C ILE A 115 9.47 -10.08 9.27
N VAL A 116 10.44 -9.46 9.95
CA VAL A 116 10.59 -8.02 9.99
C VAL A 116 11.77 -7.62 9.09
N LYS A 117 11.48 -6.89 8.01
CA LYS A 117 12.46 -6.44 7.02
C LYS A 117 12.68 -4.94 7.08
N ASN A 118 13.96 -4.53 7.11
CA ASN A 118 14.34 -3.13 7.10
C ASN A 118 14.57 -2.69 5.64
N ILE A 119 13.96 -1.57 5.23
CA ILE A 119 14.13 -1.03 3.88
C ILE A 119 15.20 0.04 3.90
N TYR A 120 16.21 -0.12 3.03
CA TYR A 120 17.30 0.83 2.89
C TYR A 120 17.37 1.35 1.47
N PHE A 121 17.91 2.56 1.32
CA PHE A 121 18.19 3.16 0.03
C PHE A 121 19.71 3.27 -0.07
N ALA A 122 20.27 2.77 -1.18
CA ALA A 122 21.71 2.81 -1.40
C ALA A 122 22.07 3.55 -2.67
N ASP A 123 22.87 4.61 -2.52
CA ASP A 123 23.39 5.39 -3.64
C ASP A 123 24.68 4.65 -4.03
N ILE A 124 24.68 4.01 -5.21
CA ILE A 124 25.80 3.21 -5.68
C ILE A 124 26.92 4.05 -6.28
N GLU A 125 28.14 3.89 -5.74
CA GLU A 125 29.34 4.59 -6.20
C GLU A 125 29.98 3.85 -7.38
N LYS A 126 30.16 2.51 -7.25
CA LYS A 126 30.78 1.67 -8.28
C LYS A 126 30.30 0.21 -8.24
N LEU A 127 30.51 -0.51 -9.35
CA LEU A 127 30.17 -1.93 -9.52
C LEU A 127 31.47 -2.68 -9.81
N GLU A 128 31.91 -3.54 -8.88
CA GLU A 128 33.16 -4.30 -9.02
C GLU A 128 32.92 -5.77 -9.39
N LYS A 129 33.92 -6.39 -10.05
CA LYS A 129 33.89 -7.79 -10.48
C LYS A 129 33.87 -8.73 -9.27
N GLN A 130 32.97 -9.73 -9.30
CA GLN A 130 32.82 -10.72 -8.22
C GLN A 130 33.01 -12.14 -8.75
N ALA A 131 33.76 -12.97 -8.01
CA ALA A 131 34.04 -14.37 -8.35
C ALA A 131 32.79 -15.24 -8.22
N ASP A 132 32.03 -15.06 -7.12
CA ASP A 132 30.80 -15.80 -6.83
C ASP A 132 29.67 -14.84 -6.46
N TYR A 133 28.56 -14.90 -7.22
CA TYR A 133 27.38 -14.08 -6.98
C TYR A 133 26.35 -14.79 -6.09
N PHE A 134 26.73 -15.92 -5.52
CA PHE A 134 25.86 -16.66 -4.65
C PHE A 134 24.65 -17.19 -5.35
N GLU A 135 23.46 -16.93 -4.83
CA GLU A 135 22.30 -17.53 -5.43
C GLU A 135 21.64 -16.57 -6.37
N THR A 136 22.46 -15.76 -7.01
CA THR A 136 22.06 -14.73 -7.90
C THR A 136 22.83 -14.84 -9.21
N LYS A 137 22.27 -14.30 -10.28
CA LYS A 137 22.95 -14.24 -11.59
C LYS A 137 23.78 -12.96 -11.81
N GLY A 138 23.93 -12.15 -10.77
CA GLY A 138 24.71 -10.92 -10.82
C GLY A 138 23.93 -9.62 -10.89
N PRO A 139 24.61 -8.49 -11.19
CA PRO A 139 23.89 -7.20 -11.24
C PRO A 139 23.10 -6.99 -12.52
N VAL A 140 21.93 -6.35 -12.39
CA VAL A 140 21.03 -6.04 -13.51
C VAL A 140 20.68 -4.55 -13.42
N LEU A 141 20.93 -3.79 -14.49
CA LEU A 141 20.65 -2.35 -14.54
C LEU A 141 19.42 -2.01 -15.38
N PHE A 142 18.48 -1.24 -14.79
CA PHE A 142 17.26 -0.77 -15.43
C PHE A 142 17.24 0.75 -15.44
N HIS A 143 17.03 1.38 -16.61
CA HIS A 143 16.94 2.84 -16.75
C HIS A 143 15.71 3.37 -15.99
N GLU A 144 14.64 2.56 -15.97
CA GLU A 144 13.38 2.79 -15.29
C GLU A 144 12.66 1.43 -15.18
N LEU A 145 12.02 1.17 -14.02
CA LEU A 145 11.29 -0.07 -13.78
C LEU A 145 10.06 -0.20 -14.69
N PRO A 146 9.77 -1.40 -15.26
CA PRO A 146 8.58 -1.53 -16.14
C PRO A 146 7.25 -1.34 -15.41
N GLU A 147 6.21 -0.91 -16.15
CA GLU A 147 4.87 -0.61 -15.62
C GLU A 147 4.10 -1.84 -15.12
N ASN A 148 4.26 -2.99 -15.79
CA ASN A 148 3.55 -4.23 -15.48
C ASN A 148 4.31 -5.21 -14.57
N LEU A 149 4.88 -4.70 -13.44
CA LEU A 149 5.64 -5.49 -12.45
C LEU A 149 4.90 -6.73 -11.93
N SER A 150 3.62 -6.56 -11.55
CA SER A 150 2.74 -7.63 -11.05
C SER A 150 2.49 -8.74 -12.08
N ARG A 151 2.48 -8.38 -13.38
CA ARG A 151 2.21 -9.31 -14.47
C ARG A 151 3.49 -9.78 -15.21
N ASN A 152 4.65 -9.17 -14.88
CA ASN A 152 5.96 -9.50 -15.46
C ASN A 152 6.49 -10.78 -14.80
N LYS A 153 6.48 -11.90 -15.56
CA LYS A 153 6.94 -13.22 -15.09
C LYS A 153 8.45 -13.32 -14.83
N LYS A 154 9.25 -12.39 -15.39
CA LYS A 154 10.70 -12.34 -15.21
C LYS A 154 11.08 -11.76 -13.83
N PHE A 155 10.17 -11.00 -13.20
CA PHE A 155 10.38 -10.35 -11.90
C PHE A 155 9.99 -11.22 -10.71
N SER A 156 10.59 -10.93 -9.54
CA SER A 156 10.35 -11.60 -8.26
C SER A 156 9.03 -11.15 -7.64
N PHE A 157 8.42 -12.01 -6.80
CA PHE A 157 7.16 -11.73 -6.10
C PHE A 157 7.28 -10.61 -5.05
N ILE A 158 8.50 -10.37 -4.57
CA ILE A 158 8.77 -9.32 -3.60
C ILE A 158 8.69 -7.93 -4.17
N MET A 159 8.71 -7.85 -5.48
CA MET A 159 8.53 -6.63 -6.28
C MET A 159 7.06 -6.52 -6.77
N LYS A 160 6.24 -7.49 -6.45
CA LYS A 160 4.89 -7.59 -6.96
C LYS A 160 3.73 -7.19 -6.02
N ASP A 161 4.05 -6.48 -4.95
CA ASP A 161 3.06 -5.97 -4.03
C ASP A 161 3.25 -4.48 -3.85
N SER A 162 2.49 -3.86 -2.97
CA SER A 162 2.57 -2.44 -2.74
C SER A 162 3.79 -1.91 -2.02
N VAL A 163 4.57 -2.76 -1.39
CA VAL A 163 5.81 -2.36 -0.69
C VAL A 163 6.69 -1.50 -1.61
N LEU A 164 6.92 -1.96 -2.85
CA LEU A 164 7.72 -1.26 -3.85
C LEU A 164 7.15 0.12 -4.28
N PRO A 165 5.91 0.26 -4.86
CA PRO A 165 5.45 1.60 -5.26
C PRO A 165 5.37 2.63 -4.15
N ILE A 166 5.01 2.21 -2.91
CA ILE A 166 4.93 3.09 -1.74
C ILE A 166 6.34 3.57 -1.34
N SER A 167 7.32 2.64 -1.28
CA SER A 167 8.71 2.95 -0.93
C SER A 167 9.39 3.85 -1.97
N LEU A 168 9.09 3.65 -3.27
CA LEU A 168 9.63 4.47 -4.36
C LEU A 168 9.09 5.90 -4.31
N LYS A 169 7.81 6.07 -3.91
CA LYS A 169 7.15 7.36 -3.78
C LYS A 169 7.75 8.16 -2.62
N LYS A 170 8.03 7.47 -1.49
CA LYS A 170 8.64 8.08 -0.30
C LYS A 170 10.09 8.49 -0.59
N LEU A 171 10.79 7.70 -1.43
CA LEU A 171 12.16 7.95 -1.88
C LEU A 171 12.18 9.18 -2.79
N LYS A 172 11.13 9.34 -3.62
CA LYS A 172 10.96 10.47 -4.54
C LYS A 172 10.64 11.75 -3.75
N GLU A 173 9.88 11.61 -2.64
CA GLU A 173 9.47 12.72 -1.77
C GLU A 173 10.58 13.15 -0.80
N SER A 174 11.50 12.22 -0.45
CA SER A 174 12.62 12.48 0.48
C SER A 174 13.69 13.41 -0.11
N GLY A 175 13.82 13.41 -1.43
CA GLY A 175 14.78 14.22 -2.15
C GLY A 175 16.18 13.64 -2.19
N TRP A 176 16.30 12.30 -2.05
CA TRP A 176 17.57 11.59 -2.09
C TRP A 176 17.98 11.24 -3.52
N ILE A 177 16.99 10.95 -4.38
CA ILE A 177 17.21 10.60 -5.79
C ILE A 177 17.22 11.84 -6.71
N GLU A 178 18.44 12.24 -7.14
CA GLU A 178 18.73 13.39 -8.01
C GLU A 178 18.08 14.69 -7.56
N MET B 21 -18.09 -15.04 1.18
CA MET B 21 -18.45 -13.74 0.64
C MET B 21 -19.94 -13.39 0.81
N TYR B 22 -20.27 -12.10 0.62
CA TYR B 22 -21.63 -11.58 0.74
C TYR B 22 -22.16 -11.16 -0.64
N GLU B 23 -23.39 -11.58 -0.98
CA GLU B 23 -24.02 -11.22 -2.25
C GLU B 23 -25.38 -10.57 -2.04
N PHE B 24 -25.54 -9.34 -2.57
CA PHE B 24 -26.75 -8.52 -2.45
C PHE B 24 -26.85 -7.53 -3.62
N LYS B 25 -27.86 -6.63 -3.56
CA LYS B 25 -28.10 -5.59 -4.57
C LYS B 25 -27.81 -4.21 -3.98
N ASP B 26 -27.33 -3.27 -4.83
CA ASP B 26 -27.05 -1.89 -4.40
C ASP B 26 -28.28 -0.99 -4.60
N TYR B 27 -28.11 0.34 -4.45
CA TYR B 27 -29.17 1.32 -4.62
C TYR B 27 -29.73 1.37 -6.06
N TYR B 28 -28.88 1.08 -7.06
CA TYR B 28 -29.24 1.07 -8.48
C TYR B 28 -29.65 -0.33 -8.95
N GLN B 29 -29.83 -1.27 -7.99
CA GLN B 29 -30.22 -2.67 -8.18
C GLN B 29 -29.17 -3.53 -8.93
N ASN B 30 -27.91 -3.09 -8.91
CA ASN B 30 -26.77 -3.80 -9.51
C ASN B 30 -26.34 -4.88 -8.53
N THR B 31 -25.86 -6.03 -9.05
CA THR B 31 -25.40 -7.15 -8.24
C THR B 31 -24.05 -6.81 -7.59
N VAL B 32 -23.97 -6.93 -6.26
CA VAL B 32 -22.76 -6.65 -5.49
C VAL B 32 -22.22 -7.92 -4.84
N GLN B 33 -20.92 -8.19 -5.02
CA GLN B 33 -20.19 -9.31 -4.42
C GLN B 33 -19.17 -8.69 -3.48
N LEU B 34 -19.29 -8.94 -2.17
CA LEU B 34 -18.43 -8.37 -1.13
C LEU B 34 -17.65 -9.44 -0.34
N SER B 35 -16.32 -9.26 -0.23
CA SER B 35 -15.42 -10.18 0.48
C SER B 35 -14.39 -9.41 1.31
N PHE B 36 -14.01 -9.96 2.49
CA PHE B 36 -13.06 -9.32 3.42
C PHE B 36 -11.73 -10.03 3.61
N ASP B 37 -10.66 -9.24 3.82
CA ASP B 37 -9.27 -9.66 4.05
C ASP B 37 -8.66 -10.60 3.00
N ASP B 38 -9.13 -10.44 1.76
CA ASP B 38 -8.66 -11.17 0.61
C ASP B 38 -8.99 -10.35 -0.61
N GLN B 39 -8.44 -10.69 -1.76
CA GLN B 39 -8.67 -9.97 -3.00
C GLN B 39 -9.12 -10.89 -4.14
N PRO B 40 -10.34 -11.38 -4.05
CA PRO B 40 -10.86 -12.40 -4.94
C PRO B 40 -11.47 -11.99 -6.27
N PHE B 41 -11.70 -10.71 -6.45
CA PHE B 41 -12.31 -10.13 -7.64
C PHE B 41 -11.29 -9.52 -8.59
N SER B 42 -10.22 -8.89 -8.07
CA SER B 42 -9.15 -8.27 -8.86
C SER B 42 -7.89 -8.00 -8.06
N ASP B 43 -6.73 -8.09 -8.73
CA ASP B 43 -5.41 -7.79 -8.17
C ASP B 43 -5.07 -6.34 -8.53
N SER B 44 -5.75 -5.80 -9.55
CA SER B 44 -5.60 -4.42 -10.05
C SER B 44 -6.97 -3.69 -10.00
N PRO B 45 -7.45 -3.27 -8.79
CA PRO B 45 -8.75 -2.57 -8.74
C PRO B 45 -8.66 -1.14 -9.28
N LYS B 46 -9.71 -0.68 -9.97
CA LYS B 46 -9.77 0.66 -10.56
C LYS B 46 -10.35 1.72 -9.63
N HIS B 47 -11.03 1.30 -8.55
CA HIS B 47 -11.63 2.21 -7.57
C HIS B 47 -11.26 1.84 -6.14
N VAL B 48 -11.30 2.84 -5.24
CA VAL B 48 -11.00 2.71 -3.81
C VAL B 48 -12.07 3.43 -2.96
N TRP B 49 -12.37 2.85 -1.79
CA TRP B 49 -13.33 3.42 -0.83
C TRP B 49 -12.69 3.42 0.55
N VAL B 50 -12.60 4.59 1.18
CA VAL B 50 -11.93 4.76 2.46
C VAL B 50 -12.86 5.11 3.62
N ILE B 51 -13.02 4.18 4.58
CA ILE B 51 -13.82 4.40 5.79
C ILE B 51 -12.89 5.13 6.76
N CYS B 52 -13.13 6.44 6.98
CA CYS B 52 -12.29 7.28 7.81
C CYS B 52 -12.82 7.52 9.22
N ARG B 53 -11.93 7.40 10.21
CA ARG B 53 -12.22 7.60 11.63
C ARG B 53 -11.19 8.60 12.18
N PHE B 54 -11.68 9.66 12.84
CA PHE B 54 -10.86 10.71 13.43
C PHE B 54 -11.28 11.02 14.88
N GLY B 55 -10.50 10.51 15.83
CA GLY B 55 -10.70 10.68 17.26
C GLY B 55 -12.05 10.26 17.80
N GLY B 56 -12.51 9.08 17.38
CA GLY B 56 -13.80 8.52 17.79
C GLY B 56 -14.99 9.09 17.04
N LYS B 57 -14.73 9.70 15.87
CA LYS B 57 -15.74 10.31 15.00
C LYS B 57 -15.50 9.90 13.55
N TRP B 58 -16.58 9.62 12.81
CA TRP B 58 -16.50 9.22 11.39
C TRP B 58 -16.21 10.44 10.52
N LEU B 59 -15.20 10.33 9.63
CA LEU B 59 -14.86 11.40 8.70
C LEU B 59 -15.40 11.08 7.32
N LEU B 60 -16.34 11.91 6.87
CA LEU B 60 -17.00 11.80 5.58
C LEU B 60 -16.74 13.05 4.74
N THR B 61 -17.12 13.00 3.47
CA THR B 61 -17.02 14.11 2.53
C THR B 61 -18.40 14.40 1.95
N GLU B 62 -18.64 15.64 1.52
CA GLU B 62 -19.92 16.01 0.92
C GLU B 62 -19.75 16.20 -0.58
N HIS B 63 -20.07 15.15 -1.36
CA HIS B 63 -20.00 15.16 -2.81
C HIS B 63 -21.06 16.13 -3.34
N GLU B 64 -20.65 17.03 -4.27
CA GLU B 64 -21.52 18.07 -4.86
C GLU B 64 -22.83 17.57 -5.50
N ASP B 65 -22.87 16.29 -5.93
CA ASP B 65 -24.05 15.68 -6.54
C ASP B 65 -24.66 14.59 -5.66
N ARG B 66 -23.84 13.62 -5.23
CA ARG B 66 -24.25 12.47 -4.41
C ARG B 66 -24.64 12.80 -2.97
N GLY B 67 -23.82 13.60 -2.28
CA GLY B 67 -24.04 13.99 -0.89
C GLY B 67 -23.00 13.42 0.06
N TYR B 68 -23.40 13.17 1.33
CA TYR B 68 -22.51 12.64 2.37
C TYR B 68 -22.10 11.20 2.10
N GLU B 69 -20.78 10.96 2.07
CA GLU B 69 -20.16 9.66 1.81
C GLU B 69 -18.73 9.60 2.34
N PHE B 70 -18.22 8.39 2.60
CA PHE B 70 -16.83 8.18 3.01
C PHE B 70 -15.94 8.48 1.81
N PRO B 71 -14.72 9.08 1.99
CA PRO B 71 -13.88 9.39 0.83
C PRO B 71 -13.62 8.21 -0.11
N GLY B 72 -13.70 8.49 -1.41
CA GLY B 72 -13.49 7.52 -2.47
C GLY B 72 -12.90 8.15 -3.72
N GLY B 73 -12.27 7.33 -4.54
CA GLY B 73 -11.64 7.77 -5.78
C GLY B 73 -11.22 6.67 -6.72
N LYS B 74 -10.68 7.08 -7.89
CA LYS B 74 -10.20 6.17 -8.93
C LYS B 74 -8.70 5.93 -8.79
N VAL B 75 -8.25 4.74 -9.21
CA VAL B 75 -6.84 4.34 -9.17
C VAL B 75 -6.19 4.71 -10.51
N GLU B 76 -5.28 5.65 -10.52
CA GLU B 76 -4.61 6.04 -11.73
C GLU B 76 -3.61 4.99 -12.18
N PRO B 77 -3.24 5.04 -13.44
CA PRO B 77 -2.41 4.01 -14.03
C PRO B 77 -1.03 3.80 -13.41
N MET B 78 -0.35 4.85 -13.02
CA MET B 78 0.96 4.66 -12.44
C MET B 78 0.91 4.67 -10.91
N GLU B 79 -0.27 4.41 -10.37
CA GLU B 79 -0.58 4.52 -8.96
C GLU B 79 -1.09 3.23 -8.34
N CYS B 80 -0.60 2.91 -7.17
CA CYS B 80 -1.11 1.77 -6.42
C CYS B 80 -2.39 2.12 -5.66
N ALA B 81 -3.22 1.14 -5.42
CA ALA B 81 -4.50 1.30 -4.70
C ALA B 81 -4.40 2.02 -3.35
N GLU B 82 -3.30 1.81 -2.60
CA GLU B 82 -3.05 2.44 -1.30
C GLU B 82 -2.77 3.93 -1.46
N GLU B 83 -1.98 4.31 -2.47
CA GLU B 83 -1.67 5.72 -2.74
C GLU B 83 -2.88 6.45 -3.34
N ALA B 84 -3.76 5.72 -4.06
CA ALA B 84 -5.00 6.25 -4.63
C ALA B 84 -5.99 6.51 -3.48
N ALA B 85 -5.95 5.66 -2.43
CA ALA B 85 -6.78 5.78 -1.23
C ALA B 85 -6.38 7.02 -0.42
N LEU B 86 -5.06 7.27 -0.27
CA LEU B 86 -4.52 8.43 0.45
C LEU B 86 -4.83 9.73 -0.29
N ARG B 87 -4.72 9.70 -1.64
CA ARG B 87 -5.01 10.84 -2.51
C ARG B 87 -6.50 11.21 -2.43
N ALA B 88 -7.39 10.19 -2.41
CA ALA B 88 -8.85 10.36 -2.29
C ALA B 88 -9.22 11.05 -0.97
N VAL B 89 -8.54 10.69 0.14
CA VAL B 89 -8.74 11.27 1.47
C VAL B 89 -8.26 12.74 1.48
N LYS B 90 -7.08 13.00 0.88
CA LYS B 90 -6.49 14.35 0.78
C LYS B 90 -7.29 15.28 -0.13
N GLU B 91 -7.76 14.78 -1.29
CA GLU B 91 -8.53 15.57 -2.26
C GLU B 91 -9.93 15.94 -1.79
N GLU B 92 -10.62 15.02 -1.10
CA GLU B 92 -12.00 15.21 -0.64
C GLU B 92 -12.17 15.76 0.78
N THR B 93 -11.25 15.43 1.71
CA THR B 93 -11.32 15.89 3.10
C THR B 93 -10.13 16.76 3.56
N GLY B 94 -9.03 16.73 2.81
CA GLY B 94 -7.81 17.47 3.14
C GLY B 94 -7.12 16.90 4.36
N ALA B 95 -7.38 15.61 4.65
CA ALA B 95 -6.89 14.88 5.82
C ALA B 95 -5.66 14.05 5.57
N ARG B 96 -4.81 13.94 6.61
CA ARG B 96 -3.60 13.12 6.61
C ARG B 96 -3.90 11.86 7.41
N VAL B 97 -3.52 10.70 6.87
CA VAL B 97 -3.79 9.39 7.46
C VAL B 97 -2.62 8.93 8.36
N LYS B 98 -2.94 8.46 9.58
CA LYS B 98 -1.99 7.90 10.54
C LYS B 98 -1.74 6.43 10.20
N SER B 99 -2.83 5.69 9.89
CA SER B 99 -2.79 4.28 9.53
C SER B 99 -3.85 3.91 8.49
N LEU B 100 -3.41 3.40 7.33
CA LEU B 100 -4.28 2.95 6.24
C LEU B 100 -4.22 1.43 6.22
N LYS B 101 -5.36 0.77 6.50
CA LYS B 101 -5.43 -0.69 6.57
C LYS B 101 -6.45 -1.26 5.60
N TYR B 102 -6.05 -2.30 4.84
CA TYR B 102 -6.90 -2.99 3.88
C TYR B 102 -7.96 -3.80 4.64
N LEU B 103 -9.26 -3.51 4.36
CA LEU B 103 -10.36 -4.21 5.01
C LEU B 103 -10.92 -5.32 4.11
N GLY B 104 -11.31 -4.95 2.90
CA GLY B 104 -11.88 -5.89 1.94
C GLY B 104 -11.99 -5.34 0.53
N GLN B 105 -12.78 -6.04 -0.29
CA GLN B 105 -12.97 -5.69 -1.70
C GLN B 105 -14.38 -6.04 -2.15
N TYR B 106 -14.96 -5.19 -3.01
CA TYR B 106 -16.28 -5.45 -3.59
C TYR B 106 -16.38 -5.23 -5.09
N LYS B 107 -17.13 -6.12 -5.75
CA LYS B 107 -17.37 -6.11 -7.19
C LYS B 107 -18.81 -5.67 -7.46
N VAL B 108 -18.99 -4.65 -8.30
CA VAL B 108 -20.31 -4.14 -8.69
C VAL B 108 -20.57 -4.55 -10.13
N LEU B 109 -21.59 -5.40 -10.33
CA LEU B 109 -21.96 -5.91 -11.64
C LEU B 109 -23.20 -5.19 -12.19
N GLY B 110 -22.98 -4.39 -13.22
CA GLY B 110 -24.04 -3.65 -13.91
C GLY B 110 -24.58 -4.43 -15.08
N LYS B 111 -25.04 -3.73 -16.12
CA LYS B 111 -25.57 -4.37 -17.33
C LYS B 111 -24.45 -4.77 -18.29
N GLU B 112 -23.54 -3.83 -18.59
CA GLU B 112 -22.41 -4.05 -19.51
C GLU B 112 -21.04 -3.79 -18.86
N LYS B 113 -21.01 -2.98 -17.77
CA LYS B 113 -19.77 -2.62 -17.08
C LYS B 113 -19.67 -3.24 -15.68
N VAL B 114 -18.45 -3.70 -15.32
CA VAL B 114 -18.14 -4.32 -14.03
C VAL B 114 -16.99 -3.53 -13.37
N ILE B 115 -17.20 -3.05 -12.13
CA ILE B 115 -16.18 -2.31 -11.38
C ILE B 115 -15.77 -3.04 -10.09
N VAL B 116 -14.49 -2.92 -9.70
CA VAL B 116 -13.95 -3.53 -8.48
C VAL B 116 -13.44 -2.41 -7.57
N LYS B 117 -13.97 -2.36 -6.34
CA LYS B 117 -13.63 -1.36 -5.32
C LYS B 117 -12.88 -1.97 -4.15
N ASN B 118 -11.74 -1.35 -3.78
CA ASN B 118 -10.95 -1.76 -2.63
C ASN B 118 -11.41 -0.97 -1.41
N ILE B 119 -11.72 -1.66 -0.31
CA ILE B 119 -12.16 -1.02 0.94
C ILE B 119 -10.96 -0.86 1.87
N TYR B 120 -10.73 0.37 2.34
CA TYR B 120 -9.65 0.69 3.27
C TYR B 120 -10.19 1.38 4.51
N PHE B 121 -9.52 1.16 5.64
CA PHE B 121 -9.84 1.83 6.89
C PHE B 121 -8.71 2.82 7.14
N ALA B 122 -9.07 4.09 7.35
CA ALA B 122 -8.07 5.12 7.60
C ALA B 122 -8.26 5.75 8.97
N ASP B 123 -7.25 5.57 9.83
CA ASP B 123 -7.20 6.18 11.15
C ASP B 123 -6.58 7.55 10.88
N ILE B 124 -7.40 8.60 10.92
CA ILE B 124 -6.98 9.96 10.61
C ILE B 124 -6.20 10.60 11.75
N GLU B 125 -5.00 11.13 11.43
CA GLU B 125 -4.13 11.80 12.39
C GLU B 125 -4.51 13.27 12.51
N LYS B 126 -4.72 13.95 11.36
CA LYS B 126 -5.07 15.37 11.29
C LYS B 126 -5.81 15.79 10.02
N LEU B 127 -6.55 16.92 10.09
CA LEU B 127 -7.28 17.53 8.97
C LEU B 127 -6.55 18.85 8.67
N GLU B 128 -6.08 19.02 7.43
CA GLU B 128 -5.34 20.23 7.03
C GLU B 128 -6.10 21.12 6.05
N LYS B 129 -5.73 22.42 6.00
CA LYS B 129 -6.32 23.43 5.12
C LYS B 129 -5.99 23.13 3.65
N GLN B 130 -6.99 23.24 2.77
CA GLN B 130 -6.84 23.00 1.34
C GLN B 130 -7.65 24.01 0.51
N ALA B 131 -7.03 24.54 -0.56
CA ALA B 131 -7.64 25.52 -1.47
C ALA B 131 -8.75 24.93 -2.33
N ASP B 132 -8.50 23.75 -2.91
CA ASP B 132 -9.47 23.05 -3.75
C ASP B 132 -9.89 21.71 -3.19
N TYR B 133 -11.19 21.53 -3.02
CA TYR B 133 -11.71 20.28 -2.50
C TYR B 133 -12.25 19.39 -3.60
N PHE B 134 -11.97 19.75 -4.83
CA PHE B 134 -12.37 18.99 -5.98
C PHE B 134 -13.86 18.90 -6.20
N GLU B 135 -14.38 17.70 -6.24
CA GLU B 135 -15.77 17.46 -6.55
C GLU B 135 -16.63 17.41 -5.33
N THR B 136 -16.09 17.84 -4.21
CA THR B 136 -16.76 17.80 -2.94
C THR B 136 -16.71 19.16 -2.29
N LYS B 137 -17.48 19.32 -1.21
CA LYS B 137 -17.54 20.53 -0.43
C LYS B 137 -16.63 20.54 0.80
N GLY B 138 -15.85 19.49 0.95
CA GLY B 138 -14.86 19.42 2.01
C GLY B 138 -15.10 18.36 3.06
N PRO B 139 -14.40 18.42 4.22
CA PRO B 139 -14.60 17.39 5.25
C PRO B 139 -15.86 17.60 6.10
N VAL B 140 -16.54 16.48 6.44
CA VAL B 140 -17.74 16.46 7.28
C VAL B 140 -17.54 15.44 8.40
N LEU B 141 -17.66 15.88 9.66
CA LEU B 141 -17.47 15.01 10.82
C LEU B 141 -18.78 14.59 11.48
N PHE B 142 -18.93 13.28 11.70
CA PHE B 142 -20.09 12.66 12.34
C PHE B 142 -19.64 11.88 13.57
N HIS B 143 -20.24 12.17 14.74
CA HIS B 143 -19.95 11.47 16.00
C HIS B 143 -20.45 10.03 15.91
N GLU B 144 -21.57 9.83 15.18
CA GLU B 144 -22.24 8.56 14.91
C GLU B 144 -23.07 8.70 13.63
N LEU B 145 -23.12 7.64 12.81
CA LEU B 145 -23.89 7.63 11.58
C LEU B 145 -25.40 7.56 11.84
N PRO B 146 -26.21 8.26 11.07
CA PRO B 146 -27.64 8.29 11.29
C PRO B 146 -28.21 6.91 11.14
N GLU B 147 -29.32 6.69 11.82
CA GLU B 147 -29.99 5.40 11.94
C GLU B 147 -30.53 4.75 10.68
N ASN B 148 -31.15 5.50 9.78
CA ASN B 148 -31.63 4.91 8.55
C ASN B 148 -31.05 5.73 7.46
N LEU B 149 -30.07 5.23 6.74
CA LEU B 149 -29.47 6.07 5.73
C LEU B 149 -30.13 5.91 4.40
N SER B 150 -30.89 4.85 4.25
CA SER B 150 -31.53 4.60 2.97
C SER B 150 -32.52 5.68 2.64
N ARG B 151 -33.22 6.16 3.66
CA ARG B 151 -34.30 7.14 3.53
C ARG B 151 -33.75 8.58 3.50
N ASN B 152 -32.55 8.79 4.09
CA ASN B 152 -31.86 10.08 4.18
C ASN B 152 -31.41 10.58 2.81
N LYS B 153 -32.03 11.67 2.33
CA LYS B 153 -31.74 12.27 1.02
C LYS B 153 -30.40 13.01 0.96
N LYS B 154 -29.89 13.47 2.12
CA LYS B 154 -28.62 14.19 2.25
C LYS B 154 -27.41 13.28 1.97
N PHE B 155 -27.55 11.97 2.24
CA PHE B 155 -26.50 10.97 2.05
C PHE B 155 -26.42 10.44 0.63
N SER B 156 -25.24 9.89 0.27
CA SER B 156 -24.96 9.30 -1.04
C SER B 156 -25.52 7.89 -1.13
N PHE B 157 -25.82 7.44 -2.37
CA PHE B 157 -26.33 6.10 -2.66
C PHE B 157 -25.33 4.98 -2.31
N ILE B 158 -24.02 5.31 -2.31
CA ILE B 158 -22.90 4.41 -1.97
C ILE B 158 -23.02 3.95 -0.50
N MET B 159 -23.62 4.80 0.35
CA MET B 159 -23.86 4.57 1.78
C MET B 159 -25.20 3.85 2.01
N LYS B 160 -26.03 3.74 0.94
CA LYS B 160 -27.39 3.19 1.01
C LYS B 160 -27.55 1.69 0.71
N ASP B 161 -26.45 0.93 0.62
CA ASP B 161 -26.48 -0.51 0.38
C ASP B 161 -25.90 -1.31 1.55
N SER B 162 -25.90 -2.65 1.47
CA SER B 162 -25.37 -3.53 2.52
C SER B 162 -23.84 -3.45 2.73
N VAL B 163 -23.10 -2.80 1.78
CA VAL B 163 -21.63 -2.62 1.87
C VAL B 163 -21.28 -1.93 3.20
N LEU B 164 -21.93 -0.79 3.49
CA LEU B 164 -21.72 0.01 4.69
C LEU B 164 -21.99 -0.76 6.03
N PRO B 165 -23.20 -1.32 6.32
CA PRO B 165 -23.37 -2.04 7.60
C PRO B 165 -22.48 -3.28 7.78
N ILE B 166 -22.24 -4.05 6.70
CA ILE B 166 -21.38 -5.25 6.77
C ILE B 166 -19.93 -4.86 7.06
N SER B 167 -19.41 -3.81 6.39
CA SER B 167 -18.04 -3.31 6.58
C SER B 167 -17.78 -2.76 7.98
N LEU B 168 -18.78 -2.05 8.57
CA LEU B 168 -18.65 -1.49 9.92
C LEU B 168 -18.65 -2.58 10.99
N LYS B 169 -19.43 -3.66 10.76
CA LYS B 169 -19.52 -4.82 11.65
C LYS B 169 -18.19 -5.58 11.61
N LYS B 170 -17.57 -5.71 10.41
CA LYS B 170 -16.28 -6.36 10.21
C LYS B 170 -15.16 -5.54 10.83
N LEU B 171 -15.29 -4.20 10.81
CA LEU B 171 -14.35 -3.25 11.39
C LEU B 171 -14.40 -3.31 12.92
N LYS B 172 -15.60 -3.54 13.48
CA LYS B 172 -15.85 -3.66 14.92
C LYS B 172 -15.29 -4.99 15.45
N GLU B 173 -15.46 -6.08 14.65
CA GLU B 173 -14.99 -7.42 14.98
C GLU B 173 -13.48 -7.57 14.87
N SER B 174 -12.82 -6.75 14.02
CA SER B 174 -11.37 -6.77 13.82
C SER B 174 -10.62 -6.23 15.03
N GLY B 175 -11.03 -5.05 15.51
CA GLY B 175 -10.43 -4.38 16.65
C GLY B 175 -9.51 -3.23 16.29
N TRP B 176 -9.83 -2.51 15.20
CA TRP B 176 -9.06 -1.36 14.72
C TRP B 176 -9.59 -0.04 15.29
N ILE B 177 -10.91 0.03 15.54
CA ILE B 177 -11.59 1.20 16.11
C ILE B 177 -11.62 1.13 17.65
N GLU B 178 -11.91 2.28 18.31
CA GLU B 178 -12.01 2.47 19.77
C GLU B 178 -10.85 1.89 20.58
#